data_6RS8
#
_entry.id   6RS8
#
_cell.length_a   35.160
_cell.length_b   72.580
_cell.length_c   78.680
_cell.angle_alpha   90.00
_cell.angle_beta   90.00
_cell.angle_gamma   90.00
#
_symmetry.space_group_name_H-M   'P 21 21 21'
#
loop_
_entity.id
_entity.type
_entity.pdbx_description
1 polymer AA9
2 branched 2-acetamido-2-deoxy-beta-D-glucopyranose-(1-4)-2-acetamido-2-deoxy-beta-D-glucopyranose
3 non-polymer alpha-D-mannopyranose
4 non-polymer '2-(N-MORPHOLINO)-ETHANESULFONIC ACID'
5 non-polymer (4S)-2-METHYL-2,4-PENTANEDIOL
6 non-polymer 'ACETATE ION'
7 water water
#
_entity_poly.entity_id   1
_entity_poly.type   'polypeptide(L)'
_entity_poly.pdbx_seq_one_letter_code
;RTVFSSLTVNGVDLGQGVAVRVPS(SEP)NAPVTDIESDDIICNTGFIQPVSKTVAAVPAGGTVIAHFHHTSAGYVGPDP
SDPLDPTNKGPVLAYLAKVPDATQSDVTGLKWFKIWQDGYTPATRQWGSDKLFINGGNATFTIPSCLQAGQYLLRVESIS
LLNAEQYPGAQFFLSCGQINITGGNKVQPVGVDFPGAYTSTDPGIVTDIYEVGTYTPPGPAVFSC
;
_entity_poly.pdbx_strand_id   A
#
loop_
_chem_comp.id
_chem_comp.type
_chem_comp.name
_chem_comp.formula
ACT non-polymer 'ACETATE ION' 'C2 H3 O2 -1'
MAN D-saccharide, alpha linking alpha-D-mannopyranose 'C6 H12 O6'
MES non-polymer '2-(N-MORPHOLINO)-ETHANESULFONIC ACID' 'C6 H13 N O4 S'
MPD non-polymer (4S)-2-METHYL-2,4-PENTANEDIOL 'C6 H14 O2'
NAG D-saccharide, beta linking 2-acetamido-2-deoxy-beta-D-glucopyranose 'C8 H15 N O6'
#
# COMPACT_ATOMS: atom_id res chain seq x y z
N ARG A 1 9.26 -2.26 -10.28
CA ARG A 1 8.16 -3.16 -9.95
C ARG A 1 8.41 -3.72 -8.55
N THR A 2 7.29 -3.96 -7.84
CA THR A 2 7.32 -4.42 -6.43
C THR A 2 5.97 -5.06 -6.09
N VAL A 3 5.99 -5.94 -5.09
CA VAL A 3 4.79 -6.61 -4.59
C VAL A 3 4.83 -6.64 -3.05
N PHE A 4 3.70 -6.26 -2.42
CA PHE A 4 3.44 -6.44 -1.03
C PHE A 4 2.92 -7.88 -0.86
N SER A 5 3.65 -8.74 -0.13
CA SER A 5 3.27 -10.14 -0.06
C SER A 5 3.36 -10.77 1.34
N SER A 6 3.72 -10.03 2.39
CA SER A 6 3.76 -10.63 3.73
C SER A 6 3.67 -9.50 4.77
N LEU A 7 3.38 -9.90 6.00
CA LEU A 7 3.12 -9.00 7.15
C LEU A 7 3.97 -9.43 8.35
N THR A 8 4.33 -8.41 9.15
CA THR A 8 4.79 -8.59 10.51
C THR A 8 3.86 -7.77 11.40
N VAL A 9 3.48 -8.35 12.53
CA VAL A 9 2.56 -7.69 13.49
C VAL A 9 3.24 -7.70 14.88
N ASN A 10 3.54 -6.48 15.38
CA ASN A 10 4.24 -6.26 16.64
C ASN A 10 5.41 -7.23 16.75
N GLY A 11 6.21 -7.24 15.70
CA GLY A 11 7.48 -8.00 15.62
C GLY A 11 7.34 -9.48 15.32
N VAL A 12 6.10 -10.00 15.13
CA VAL A 12 5.90 -11.42 14.76
C VAL A 12 5.70 -11.53 13.25
N ASP A 13 6.56 -12.31 12.59
CA ASP A 13 6.47 -12.46 11.14
C ASP A 13 5.46 -13.56 10.85
N LEU A 14 4.44 -13.25 10.05
CA LEU A 14 3.32 -14.24 9.84
C LEU A 14 3.64 -15.29 8.79
N GLY A 15 4.55 -14.98 7.90
CA GLY A 15 4.97 -15.92 6.86
C GLY A 15 4.60 -15.45 5.46
N GLN A 16 5.36 -15.96 4.48
CA GLN A 16 5.16 -15.54 3.09
C GLN A 16 3.73 -15.84 2.62
N GLY A 17 3.06 -14.81 2.10
CA GLY A 17 1.72 -14.90 1.57
C GLY A 17 0.62 -14.98 2.62
N VAL A 18 0.95 -15.05 3.91
CA VAL A 18 -0.10 -15.27 4.91
C VAL A 18 -0.86 -13.96 5.15
N ALA A 19 -2.19 -14.02 5.04
CA ALA A 19 -3.11 -12.91 5.32
C ALA A 19 -3.00 -11.79 4.27
N VAL A 20 -2.44 -12.12 3.09
CA VAL A 20 -2.32 -11.12 2.03
C VAL A 20 -2.84 -11.77 0.75
N ARG A 21 -3.59 -11.00 -0.05
CA ARG A 21 -4.01 -11.47 -1.38
C ARG A 21 -2.91 -11.07 -2.37
N VAL A 22 -2.03 -12.03 -2.70
CA VAL A 22 -0.81 -11.71 -3.38
C VAL A 22 -1.03 -11.74 -4.88
N PRO A 23 -0.79 -10.64 -5.61
CA PRO A 23 -0.90 -10.74 -7.07
C PRO A 23 0.14 -11.70 -7.67
N SER A 24 -0.21 -12.35 -8.79
CA SER A 24 0.65 -13.38 -9.39
C SER A 24 1.99 -12.85 -9.84
N SEP A 25 2.03 -11.57 -10.25
N SEP A 25 2.05 -11.56 -10.15
CA SEP A 25 3.22 -10.91 -10.77
CA SEP A 25 3.34 -10.98 -10.46
CB SEP A 25 3.31 -10.45 -12.34
CB SEP A 25 3.60 -11.09 -11.99
OG SEP A 25 4.48 -10.85 -13.19
OG SEP A 25 2.95 -10.03 -12.73
C SEP A 25 3.30 -9.52 -10.15
C SEP A 25 3.33 -9.52 -10.07
O SEP A 25 2.34 -9.00 -9.55
O SEP A 25 2.36 -8.97 -9.52
P SEP A 25 4.79 -10.77 -14.90
O1P SEP A 25 4.75 -12.06 -15.67
O2P SEP A 25 3.81 -9.71 -15.25
O3P SEP A 25 6.19 -10.16 -14.98
N ASN A 26 4.48 -8.92 -10.37
CA ASN A 26 4.78 -7.56 -10.03
C ASN A 26 4.34 -6.57 -11.12
N ALA A 27 3.55 -6.97 -12.11
CA ALA A 27 3.09 -6.04 -13.11
C ALA A 27 2.26 -4.92 -12.43
N PRO A 28 2.39 -3.65 -12.83
CA PRO A 28 1.60 -2.57 -12.24
C PRO A 28 0.13 -2.56 -12.70
N VAL A 29 -0.71 -2.03 -11.81
CA VAL A 29 -2.00 -1.49 -12.15
C VAL A 29 -1.73 -0.09 -12.72
N THR A 30 -2.39 0.23 -13.85
CA THR A 30 -2.22 1.51 -14.50
C THR A 30 -3.51 2.30 -14.66
N ASP A 31 -4.69 1.66 -14.50
CA ASP A 31 -6.01 2.27 -14.70
C ASP A 31 -6.66 2.55 -13.35
N ILE A 32 -6.66 3.83 -12.96
CA ILE A 32 -7.23 4.26 -11.65
C ILE A 32 -8.75 4.14 -11.62
N GLU A 33 -9.39 3.83 -12.75
CA GLU A 33 -10.83 3.68 -12.81
C GLU A 33 -11.20 2.19 -12.79
N SER A 34 -10.19 1.30 -12.83
CA SER A 34 -10.42 -0.15 -12.81
C SER A 34 -10.64 -0.61 -11.37
N ASP A 35 -11.46 -1.64 -11.17
CA ASP A 35 -11.54 -2.31 -9.86
C ASP A 35 -10.18 -2.88 -9.44
N ASP A 36 -9.25 -3.08 -10.38
CA ASP A 36 -7.91 -3.53 -10.01
C ASP A 36 -7.21 -2.53 -9.08
N ILE A 37 -7.65 -1.26 -9.09
CA ILE A 37 -7.02 -0.26 -8.22
C ILE A 37 -7.29 -0.55 -6.74
N ILE A 38 -8.31 -1.35 -6.43
CA ILE A 38 -8.68 -1.59 -5.05
C ILE A 38 -7.64 -2.47 -4.37
N CYS A 39 -7.50 -3.71 -4.88
CA CYS A 39 -6.62 -4.72 -4.24
C CYS A 39 -5.78 -5.47 -5.30
N ASN A 40 -5.59 -4.88 -6.52
CA ASN A 40 -4.80 -5.59 -7.58
C ASN A 40 -5.68 -6.72 -8.12
N THR A 41 -5.03 -7.66 -8.79
CA THR A 41 -5.76 -8.68 -9.58
C THR A 41 -4.89 -9.95 -9.71
N GLY A 42 -5.52 -11.04 -10.11
CA GLY A 42 -4.77 -12.25 -10.49
C GLY A 42 -4.03 -12.83 -9.29
N PHE A 43 -4.78 -13.06 -8.21
CA PHE A 43 -4.15 -13.52 -6.94
C PHE A 43 -3.66 -14.95 -7.08
N ILE A 44 -2.57 -15.22 -6.37
CA ILE A 44 -2.06 -16.57 -6.20
C ILE A 44 -3.08 -17.39 -5.40
N GLN A 45 -3.43 -18.56 -5.98
CA GLN A 45 -4.42 -19.41 -5.39
C GLN A 45 -3.77 -20.64 -4.77
N PRO A 46 -4.40 -21.18 -3.71
CA PRO A 46 -5.56 -20.63 -3.02
C PRO A 46 -5.20 -19.42 -2.15
N VAL A 47 -6.08 -18.42 -2.17
CA VAL A 47 -5.82 -17.22 -1.42
C VAL A 47 -5.90 -17.56 0.09
N SER A 48 -4.99 -16.97 0.86
CA SER A 48 -4.93 -17.14 2.32
C SER A 48 -6.30 -16.86 2.97
N LYS A 49 -6.68 -17.76 3.90
CA LYS A 49 -7.85 -17.51 4.74
C LYS A 49 -7.44 -17.16 6.17
N THR A 50 -6.21 -16.66 6.30
CA THR A 50 -5.74 -16.09 7.57
C THR A 50 -6.12 -14.61 7.64
N VAL A 51 -6.64 -14.20 8.80
CA VAL A 51 -6.97 -12.83 9.10
C VAL A 51 -6.18 -12.44 10.36
N ALA A 52 -5.15 -11.65 10.16
CA ALA A 52 -4.18 -11.38 11.22
C ALA A 52 -4.83 -10.58 12.36
N ALA A 53 -4.72 -11.06 13.60
CA ALA A 53 -5.18 -10.27 14.74
C ALA A 53 -4.18 -9.15 15.01
N VAL A 54 -4.65 -7.90 15.06
CA VAL A 54 -3.74 -6.76 15.25
C VAL A 54 -4.38 -5.84 16.27
N PRO A 55 -3.75 -5.58 17.42
CA PRO A 55 -4.35 -4.67 18.38
C PRO A 55 -4.40 -3.25 17.76
N ALA A 56 -5.51 -2.52 17.99
CA ALA A 56 -5.46 -1.09 17.65
C ALA A 56 -4.28 -0.44 18.42
N GLY A 57 -3.48 0.38 17.74
CA GLY A 57 -2.25 0.93 18.29
C GLY A 57 -0.99 0.08 17.97
N GLY A 58 -1.18 -1.12 17.39
CA GLY A 58 -0.12 -2.04 17.06
C GLY A 58 0.71 -1.60 15.86
N THR A 59 1.95 -2.09 15.79
CA THR A 59 2.85 -1.80 14.73
C THR A 59 2.82 -2.91 13.68
N VAL A 60 2.56 -2.53 12.44
CA VAL A 60 2.51 -3.45 11.36
C VAL A 60 3.64 -3.15 10.38
N ILE A 61 4.24 -4.21 9.78
CA ILE A 61 5.10 -4.08 8.64
C ILE A 61 4.43 -4.78 7.47
N ALA A 62 4.23 -4.03 6.39
CA ALA A 62 3.80 -4.56 5.11
C ALA A 62 5.06 -4.73 4.28
N HIS A 63 5.38 -5.98 3.95
CA HIS A 63 6.65 -6.28 3.30
C HIS A 63 6.52 -6.26 1.79
N PHE A 64 7.28 -5.38 1.14
CA PHE A 64 7.46 -5.33 -0.29
C PHE A 64 8.75 -6.02 -0.67
N HIS A 65 8.71 -6.71 -1.82
CA HIS A 65 9.85 -7.30 -2.46
C HIS A 65 9.66 -7.17 -3.98
N HIS A 66 10.72 -7.42 -4.75
CA HIS A 66 10.70 -7.17 -6.17
C HIS A 66 9.61 -8.03 -6.84
N THR A 67 9.55 -9.32 -6.44
CA THR A 67 8.59 -10.24 -7.06
C THR A 67 7.58 -10.77 -6.05
N SER A 68 6.60 -11.51 -6.60
N SER A 68 6.60 -11.52 -6.57
CA SER A 68 5.53 -12.13 -5.84
CA SER A 68 5.55 -12.08 -5.74
C SER A 68 6.04 -13.23 -4.89
C SER A 68 6.06 -13.21 -4.85
N ALA A 69 7.29 -13.66 -5.03
CA ALA A 69 7.88 -14.76 -4.24
C ALA A 69 8.37 -14.31 -2.87
N GLY A 70 8.44 -12.99 -2.63
CA GLY A 70 9.09 -12.47 -1.45
C GLY A 70 10.63 -12.50 -1.57
N TYR A 71 11.31 -12.72 -0.46
CA TYR A 71 12.76 -12.64 -0.47
C TYR A 71 13.37 -13.88 -1.11
N VAL A 72 14.17 -13.67 -2.14
CA VAL A 72 14.84 -14.74 -2.84
C VAL A 72 16.32 -14.40 -3.06
N GLY A 73 16.86 -13.65 -2.11
CA GLY A 73 18.25 -13.34 -2.09
C GLY A 73 18.58 -12.00 -2.75
N PRO A 74 19.89 -11.66 -2.85
CA PRO A 74 20.30 -10.36 -3.39
C PRO A 74 19.73 -10.06 -4.76
N ASP A 75 19.29 -8.83 -4.92
CA ASP A 75 18.61 -8.36 -6.12
C ASP A 75 18.66 -6.84 -6.08
N PRO A 76 19.21 -6.17 -7.10
CA PRO A 76 19.37 -4.71 -7.01
C PRO A 76 18.06 -3.94 -7.14
N SER A 77 16.98 -4.61 -7.61
N SER A 77 16.97 -4.59 -7.59
CA SER A 77 15.59 -4.09 -7.70
CA SER A 77 15.65 -3.97 -7.59
C SER A 77 14.69 -4.59 -6.55
C SER A 77 14.70 -4.64 -6.58
N ASP A 78 15.27 -5.21 -5.52
CA ASP A 78 14.50 -5.66 -4.35
C ASP A 78 14.83 -4.68 -3.23
N PRO A 79 13.85 -4.03 -2.62
CA PRO A 79 12.44 -4.38 -2.77
C PRO A 79 11.77 -3.76 -3.99
N LEU A 80 12.37 -2.68 -4.53
CA LEU A 80 11.86 -2.01 -5.69
C LEU A 80 13.04 -1.49 -6.48
N ASP A 81 12.75 -0.98 -7.67
CA ASP A 81 13.82 -0.40 -8.50
C ASP A 81 13.99 1.02 -7.99
N PRO A 82 15.15 1.36 -7.40
CA PRO A 82 15.29 2.64 -6.69
C PRO A 82 15.19 3.86 -7.62
N THR A 83 15.28 3.64 -8.95
CA THR A 83 15.06 4.72 -9.91
C THR A 83 13.58 5.17 -9.89
N ASN A 84 12.70 4.28 -9.47
CA ASN A 84 11.26 4.47 -9.54
C ASN A 84 10.77 5.33 -8.37
N LYS A 85 11.03 6.63 -8.47
CA LYS A 85 10.68 7.55 -7.37
C LYS A 85 9.15 7.67 -7.26
N GLY A 86 8.69 7.68 -6.02
CA GLY A 86 7.29 8.00 -5.72
C GLY A 86 6.93 7.70 -4.28
N PRO A 87 5.63 7.88 -3.94
CA PRO A 87 5.16 7.69 -2.57
C PRO A 87 4.83 6.23 -2.20
N VAL A 88 4.66 6.05 -0.91
CA VAL A 88 4.15 4.83 -0.27
C VAL A 88 2.95 5.24 0.58
N LEU A 89 1.87 4.45 0.54
CA LEU A 89 0.64 4.82 1.22
C LEU A 89 0.04 3.56 1.85
N ALA A 90 -0.72 3.77 2.94
CA ALA A 90 -1.50 2.65 3.53
C ALA A 90 -2.91 3.17 3.90
N TYR A 91 -3.93 2.33 3.59
CA TYR A 91 -5.30 2.56 3.86
C TYR A 91 -5.93 1.37 4.56
N LEU A 92 -6.99 1.64 5.34
CA LEU A 92 -7.87 0.60 5.90
C LEU A 92 -9.29 0.78 5.39
N ALA A 93 -10.03 -0.33 5.23
CA ALA A 93 -11.46 -0.26 5.07
C ALA A 93 -12.09 -1.33 5.95
N LYS A 94 -13.14 -0.90 6.64
CA LYS A 94 -13.96 -1.85 7.38
C LYS A 94 -14.72 -2.75 6.40
N VAL A 95 -14.69 -4.04 6.67
CA VAL A 95 -15.32 -5.05 5.81
C VAL A 95 -16.10 -6.03 6.70
N PRO A 96 -17.19 -6.64 6.20
CA PRO A 96 -17.87 -7.65 7.00
C PRO A 96 -17.02 -8.89 7.30
N ASP A 97 -16.23 -9.31 6.30
CA ASP A 97 -15.43 -10.52 6.41
C ASP A 97 -14.14 -10.28 5.61
N ALA A 98 -12.99 -10.21 6.30
CA ALA A 98 -11.72 -9.92 5.60
C ALA A 98 -11.28 -11.00 4.61
N THR A 99 -12.00 -12.11 4.51
CA THR A 99 -11.76 -13.11 3.44
C THR A 99 -12.75 -13.00 2.28
N GLN A 100 -13.71 -12.06 2.34
CA GLN A 100 -14.77 -11.97 1.31
C GLN A 100 -14.17 -11.59 -0.05
N SER A 101 -14.67 -12.18 -1.14
CA SER A 101 -13.98 -11.97 -2.43
C SER A 101 -14.33 -10.57 -3.00
N ASP A 102 -15.52 -10.06 -2.70
CA ASP A 102 -15.95 -8.79 -3.27
C ASP A 102 -15.39 -7.60 -2.45
N VAL A 103 -14.53 -6.81 -3.10
CA VAL A 103 -13.87 -5.67 -2.45
C VAL A 103 -14.38 -4.32 -2.98
N THR A 104 -15.47 -4.33 -3.72
CA THR A 104 -16.06 -3.10 -4.24
C THR A 104 -16.96 -2.48 -3.17
N GLY A 105 -17.08 -1.16 -3.26
CA GLY A 105 -18.02 -0.42 -2.45
C GLY A 105 -17.54 -0.24 -1.00
N LEU A 106 -16.25 -0.39 -0.75
CA LEU A 106 -15.73 -0.16 0.63
C LEU A 106 -15.26 1.29 0.78
N LYS A 107 -15.14 1.69 2.04
CA LYS A 107 -14.81 3.08 2.35
C LYS A 107 -13.43 3.10 2.99
N TRP A 108 -12.46 3.68 2.25
CA TRP A 108 -11.05 3.58 2.58
C TRP A 108 -10.57 4.85 3.27
N PHE A 109 -9.94 4.71 4.42
CA PHE A 109 -9.31 5.86 5.09
C PHE A 109 -7.81 5.63 5.13
N LYS A 110 -7.09 6.71 4.84
CA LYS A 110 -5.64 6.63 4.83
C LYS A 110 -5.10 6.70 6.25
N ILE A 111 -4.15 5.79 6.57
CA ILE A 111 -3.59 5.79 7.91
C ILE A 111 -2.11 6.20 7.95
N TRP A 112 -1.41 6.14 6.82
CA TRP A 112 0.02 6.48 6.75
C TRP A 112 0.38 6.78 5.29
N GLN A 113 1.35 7.70 5.12
CA GLN A 113 1.98 7.79 3.80
C GLN A 113 3.36 8.45 3.97
N ASP A 114 4.18 8.29 2.94
CA ASP A 114 5.41 9.02 2.87
C ASP A 114 5.61 9.41 1.40
N GLY A 115 5.64 10.73 1.17
CA GLY A 115 5.66 11.32 -0.14
C GLY A 115 7.06 11.73 -0.58
N TYR A 116 7.36 13.02 -0.38
CA TYR A 116 8.60 13.58 -0.85
C TYR A 116 9.03 14.65 0.12
N THR A 117 10.33 14.75 0.38
CA THR A 117 10.88 15.80 1.24
C THR A 117 11.82 16.66 0.40
N PRO A 118 11.38 17.85 -0.08
CA PRO A 118 12.17 18.62 -1.05
C PRO A 118 13.60 18.96 -0.60
N ALA A 119 13.78 19.21 0.68
CA ALA A 119 15.11 19.65 1.15
C ALA A 119 16.12 18.52 1.05
N THR A 120 15.69 17.24 1.11
CA THR A 120 16.60 16.10 1.06
C THR A 120 16.50 15.35 -0.26
N ARG A 121 15.53 15.78 -1.09
CA ARG A 121 15.21 15.14 -2.40
C ARG A 121 14.85 13.67 -2.22
N GLN A 122 14.37 13.30 -1.02
CA GLN A 122 14.06 11.89 -0.70
C GLN A 122 12.58 11.58 -0.82
N TRP A 123 12.31 10.49 -1.54
CA TRP A 123 10.96 9.98 -1.72
C TRP A 123 10.63 8.87 -0.72
N GLY A 124 9.32 8.60 -0.53
CA GLY A 124 8.95 7.46 0.23
C GLY A 124 9.51 6.14 -0.33
N SER A 125 9.59 6.03 -1.66
CA SER A 125 10.18 4.89 -2.30
C SER A 125 11.67 4.66 -1.88
N ASP A 126 12.40 5.76 -1.67
CA ASP A 126 13.78 5.69 -1.25
C ASP A 126 13.82 5.11 0.17
N LYS A 127 12.97 5.63 1.07
CA LYS A 127 12.93 5.12 2.43
C LYS A 127 12.53 3.64 2.45
N LEU A 128 11.58 3.25 1.59
CA LEU A 128 11.13 1.85 1.55
C LEU A 128 12.27 0.94 1.08
N PHE A 129 13.06 1.44 0.13
CA PHE A 129 14.28 0.74 -0.40
C PHE A 129 15.30 0.57 0.71
N ILE A 130 15.61 1.67 1.42
CA ILE A 130 16.56 1.65 2.52
C ILE A 130 16.14 0.62 3.59
N ASN A 131 14.82 0.57 3.85
CA ASN A 131 14.30 -0.27 4.91
CA ASN A 131 14.20 -0.24 4.86
CA ASN A 131 14.28 -0.27 4.90
C ASN A 131 13.95 -1.68 4.41
N GLY A 132 14.55 -2.10 3.28
CA GLY A 132 14.39 -3.48 2.86
C GLY A 132 13.00 -3.89 2.48
N GLY A 133 12.19 -2.92 2.06
CA GLY A 133 10.81 -3.20 1.70
C GLY A 133 9.88 -3.20 2.90
N ASN A 134 10.38 -2.79 4.08
CA ASN A 134 9.56 -2.83 5.27
C ASN A 134 8.77 -1.52 5.42
N ALA A 135 7.52 -1.49 4.97
CA ALA A 135 6.67 -0.33 5.14
C ALA A 135 5.99 -0.45 6.51
N THR A 136 6.46 0.38 7.45
CA THR A 136 6.12 0.26 8.87
C THR A 136 5.25 1.41 9.34
N PHE A 137 4.13 1.05 10.01
CA PHE A 137 3.17 2.07 10.46
C PHE A 137 2.31 1.49 11.57
N THR A 138 1.67 2.37 12.33
CA THR A 138 0.78 1.91 13.39
C THR A 138 -0.68 2.01 12.96
N ILE A 139 -1.42 1.05 13.50
CA ILE A 139 -2.88 1.05 13.39
C ILE A 139 -3.39 2.08 14.39
N PRO A 140 -4.24 3.04 13.96
CA PRO A 140 -4.81 4.00 14.92
C PRO A 140 -5.47 3.32 16.14
N SER A 141 -5.20 3.86 17.33
N SER A 141 -5.16 3.86 17.33
CA SER A 141 -5.56 3.21 18.58
CA SER A 141 -5.56 3.29 18.63
C SER A 141 -7.06 3.37 18.91
C SER A 141 -7.08 3.33 18.85
N CYS A 142 -7.74 4.30 18.23
CA CYS A 142 -9.11 4.64 18.60
C CYS A 142 -10.13 3.85 17.77
N LEU A 143 -9.69 3.01 16.82
CA LEU A 143 -10.61 2.40 15.85
C LEU A 143 -11.53 1.38 16.48
N GLN A 144 -12.74 1.29 15.89
CA GLN A 144 -13.71 0.23 16.20
C GLN A 144 -13.11 -1.14 15.82
N ALA A 145 -13.09 -2.07 16.79
CA ALA A 145 -12.56 -3.39 16.55
C ALA A 145 -13.40 -4.08 15.48
N GLY A 146 -12.75 -5.01 14.78
CA GLY A 146 -13.42 -5.87 13.82
C GLY A 146 -12.57 -6.10 12.56
N GLN A 147 -13.18 -6.63 11.52
CA GLN A 147 -12.45 -7.05 10.29
C GLN A 147 -12.26 -5.85 9.37
N TYR A 148 -11.05 -5.74 8.80
CA TYR A 148 -10.67 -4.71 7.93
C TYR A 148 -9.75 -5.26 6.83
N LEU A 149 -9.73 -4.58 5.68
CA LEU A 149 -8.68 -4.79 4.66
C LEU A 149 -7.66 -3.68 4.78
N LEU A 150 -6.40 -4.03 4.54
CA LEU A 150 -5.24 -3.13 4.69
C LEU A 150 -4.57 -2.99 3.33
N ARG A 151 -4.87 -1.88 2.65
CA ARG A 151 -4.40 -1.67 1.25
C ARG A 151 -3.12 -0.87 1.34
N VAL A 152 -2.02 -1.49 0.90
CA VAL A 152 -0.67 -0.83 1.04
C VAL A 152 -0.11 -0.76 -0.38
N GLU A 153 0.37 0.43 -0.74
CA GLU A 153 0.61 0.81 -2.15
C GLU A 153 1.94 1.56 -2.30
N SER A 154 2.70 1.18 -3.34
CA SER A 154 3.92 1.87 -3.79
C SER A 154 3.59 2.37 -5.19
N ILE A 155 3.72 3.69 -5.43
CA ILE A 155 3.47 4.26 -6.75
C ILE A 155 4.83 4.66 -7.34
N SER A 156 5.06 4.21 -8.58
CA SER A 156 6.24 4.73 -9.36
C SER A 156 5.76 5.86 -10.25
N LEU A 157 6.39 7.01 -10.08
CA LEU A 157 6.09 8.20 -10.88
C LEU A 157 7.12 8.40 -12.00
N LEU A 158 7.98 7.40 -12.25
CA LEU A 158 9.05 7.52 -13.26
C LEU A 158 8.49 7.98 -14.62
N ASN A 159 7.35 7.40 -15.02
CA ASN A 159 6.71 7.67 -16.33
C ASN A 159 5.37 8.40 -16.16
N ALA A 160 5.22 9.20 -15.07
CA ALA A 160 3.93 9.78 -14.73
C ALA A 160 3.74 11.20 -15.28
N GLU A 161 4.53 11.65 -16.25
CA GLU A 161 4.38 13.01 -16.77
CA GLU A 161 4.42 12.96 -16.87
C GLU A 161 3.04 13.17 -17.52
N GLN A 162 2.43 12.06 -17.93
CA GLN A 162 1.05 12.03 -18.48
C GLN A 162 0.30 10.90 -17.76
N TYR A 163 -1.02 10.89 -17.90
CA TYR A 163 -1.85 9.77 -17.49
C TYR A 163 -2.41 9.09 -18.75
N PRO A 164 -2.32 7.76 -18.84
CA PRO A 164 -1.71 6.86 -17.87
C PRO A 164 -0.18 7.00 -17.87
N GLY A 165 0.42 6.62 -16.76
CA GLY A 165 1.87 6.64 -16.68
C GLY A 165 2.37 6.19 -15.29
N ALA A 166 1.72 6.72 -14.25
CA ALA A 166 1.95 6.26 -12.89
C ALA A 166 1.70 4.73 -12.86
N GLN A 167 2.56 4.04 -12.11
CA GLN A 167 2.48 2.61 -11.91
C GLN A 167 2.17 2.29 -10.47
N PHE A 168 1.02 1.62 -10.26
CA PHE A 168 0.51 1.33 -8.92
C PHE A 168 0.78 -0.14 -8.56
N PHE A 169 1.51 -0.34 -7.47
CA PHE A 169 1.92 -1.66 -6.95
C PHE A 169 1.27 -1.79 -5.58
N LEU A 170 0.30 -2.68 -5.43
CA LEU A 170 -0.45 -2.70 -4.22
C LEU A 170 -0.98 -4.11 -3.99
N SER A 171 -1.25 -4.39 -2.72
CA SER A 171 -1.99 -5.57 -2.29
C SER A 171 -2.84 -5.18 -1.08
N CYS A 172 -3.79 -6.07 -0.77
CA CYS A 172 -4.57 -5.97 0.45
C CYS A 172 -4.24 -7.09 1.44
N GLY A 173 -3.90 -6.65 2.66
CA GLY A 173 -3.86 -7.53 3.81
C GLY A 173 -5.23 -7.69 4.45
N GLN A 174 -5.35 -8.82 5.17
CA GLN A 174 -6.58 -9.21 5.86
C GLN A 174 -6.33 -9.15 7.38
N ILE A 175 -6.99 -8.22 8.09
CA ILE A 175 -6.71 -8.07 9.49
C ILE A 175 -8.02 -8.03 10.29
N ASN A 176 -7.84 -8.27 11.59
CA ASN A 176 -8.87 -8.19 12.61
C ASN A 176 -8.34 -7.32 13.73
N ILE A 177 -8.85 -6.08 13.78
CA ILE A 177 -8.38 -5.12 14.75
C ILE A 177 -9.08 -5.48 16.06
N THR A 178 -8.26 -5.62 17.10
CA THR A 178 -8.68 -6.00 18.46
C THR A 178 -8.50 -4.80 19.39
N GLY A 179 -9.18 -4.82 20.53
CA GLY A 179 -9.08 -3.68 21.42
C GLY A 179 -9.76 -2.46 20.83
N GLY A 180 -9.04 -1.34 20.87
CA GLY A 180 -9.53 -0.19 20.18
C GLY A 180 -10.64 0.49 20.96
N ASN A 181 -11.39 1.31 20.23
CA ASN A 181 -12.41 2.17 20.83
C ASN A 181 -13.57 2.17 19.84
N LYS A 182 -14.18 3.33 19.55
CA LYS A 182 -15.43 3.31 18.79
C LYS A 182 -15.38 4.20 17.54
N VAL A 183 -14.17 4.65 17.16
CA VAL A 183 -14.09 5.55 16.00
C VAL A 183 -14.23 4.74 14.70
N GLN A 184 -15.10 5.24 13.85
CA GLN A 184 -15.38 4.68 12.53
C GLN A 184 -15.16 5.80 11.49
N PRO A 185 -13.91 5.96 10.96
CA PRO A 185 -13.56 7.11 10.16
C PRO A 185 -14.30 7.17 8.82
N VAL A 186 -14.45 8.39 8.32
CA VAL A 186 -14.93 8.61 6.98
C VAL A 186 -13.89 8.11 6.01
N GLY A 187 -14.35 7.37 5.02
CA GLY A 187 -13.48 6.85 3.95
C GLY A 187 -13.88 7.38 2.59
N VAL A 188 -13.03 7.04 1.59
CA VAL A 188 -13.19 7.41 0.18
C VAL A 188 -13.41 6.12 -0.62
N ASP A 189 -13.92 6.27 -1.83
CA ASP A 189 -14.16 5.17 -2.73
C ASP A 189 -12.89 4.83 -3.52
N PHE A 190 -12.68 3.52 -3.72
CA PHE A 190 -11.82 3.02 -4.77
C PHE A 190 -12.66 2.08 -5.64
N PRO A 191 -12.62 2.24 -6.99
CA PRO A 191 -12.13 3.44 -7.66
C PRO A 191 -12.91 4.70 -7.27
N GLY A 192 -12.27 5.87 -7.50
CA GLY A 192 -12.86 7.19 -7.35
C GLY A 192 -11.92 8.15 -6.69
N ALA A 193 -11.22 7.68 -5.68
CA ALA A 193 -10.35 8.59 -4.85
C ALA A 193 -9.20 9.19 -5.69
N TYR A 194 -8.71 8.42 -6.67
CA TYR A 194 -7.65 8.86 -7.53
C TYR A 194 -8.22 9.30 -8.88
N THR A 195 -7.84 10.50 -9.31
CA THR A 195 -8.27 11.00 -10.60
C THR A 195 -7.07 11.48 -11.41
N SER A 196 -7.28 11.60 -12.73
CA SER A 196 -6.25 12.03 -13.71
C SER A 196 -5.85 13.50 -13.52
N THR A 197 -6.57 14.26 -12.69
CA THR A 197 -6.23 15.67 -12.43
C THR A 197 -5.41 15.86 -11.15
N ASP A 198 -5.12 14.78 -10.43
CA ASP A 198 -4.42 14.80 -9.18
C ASP A 198 -2.94 14.98 -9.48
N PRO A 199 -2.28 16.04 -9.00
CA PRO A 199 -0.86 16.19 -9.24
C PRO A 199 -0.01 15.16 -8.48
N GLY A 200 -0.63 14.39 -7.60
CA GLY A 200 0.02 13.28 -6.94
C GLY A 200 0.21 12.08 -7.86
N ILE A 201 -0.56 12.06 -8.96
CA ILE A 201 -0.54 10.99 -9.93
C ILE A 201 0.03 11.40 -11.28
N VAL A 202 -0.12 12.66 -11.63
CA VAL A 202 0.48 13.20 -12.86
C VAL A 202 1.58 14.15 -12.43
N THR A 203 2.82 13.69 -12.57
CA THR A 203 3.96 14.48 -12.11
CA THR A 203 4.01 14.38 -12.00
C THR A 203 5.20 14.09 -12.91
N ASP A 204 5.99 15.11 -13.24
CA ASP A 204 7.28 14.91 -13.85
C ASP A 204 8.32 14.95 -12.72
N ILE A 205 8.93 13.80 -12.38
CA ILE A 205 9.81 13.72 -11.19
C ILE A 205 11.08 14.56 -11.37
N TYR A 206 11.41 14.97 -12.61
N TYR A 206 11.45 14.95 -12.61
CA TYR A 206 12.55 15.80 -12.89
CA TYR A 206 12.58 15.81 -12.79
C TYR A 206 12.13 17.28 -12.89
C TYR A 206 12.16 17.27 -12.53
N GLU A 207 10.86 17.57 -12.59
CA GLU A 207 10.35 18.95 -12.45
C GLU A 207 9.69 19.13 -11.09
N VAL A 208 9.96 18.24 -10.16
CA VAL A 208 9.21 18.29 -8.89
C VAL A 208 9.86 19.32 -7.97
N GLY A 209 9.02 20.16 -7.40
CA GLY A 209 9.45 21.00 -6.32
C GLY A 209 8.85 20.56 -5.01
N THR A 210 7.54 20.75 -4.88
CA THR A 210 6.77 20.21 -3.81
C THR A 210 5.95 19.05 -4.39
N TYR A 211 5.52 18.16 -3.52
CA TYR A 211 4.73 17.02 -3.94
C TYR A 211 3.81 16.62 -2.80
N THR A 212 2.60 16.29 -3.16
CA THR A 212 1.61 15.81 -2.25
C THR A 212 1.09 14.47 -2.79
N PRO A 213 1.12 13.38 -2.02
CA PRO A 213 0.59 12.12 -2.52
C PRO A 213 -0.89 12.24 -2.83
N PRO A 214 -1.39 11.39 -3.73
CA PRO A 214 -2.82 11.42 -4.05
C PRO A 214 -3.70 10.89 -2.94
N GLY A 215 -5.00 11.19 -3.06
CA GLY A 215 -5.96 10.68 -2.14
C GLY A 215 -6.19 11.60 -0.93
N PRO A 216 -6.97 11.10 0.06
CA PRO A 216 -7.40 11.95 1.15
C PRO A 216 -6.26 12.22 2.15
N ALA A 217 -6.52 13.17 3.07
CA ALA A 217 -5.62 13.43 4.16
C ALA A 217 -5.53 12.18 5.04
N VAL A 218 -4.40 12.02 5.72
CA VAL A 218 -4.18 10.93 6.67
C VAL A 218 -5.11 11.09 7.86
N PHE A 219 -5.80 10.00 8.20
CA PHE A 219 -6.67 9.97 9.39
C PHE A 219 -5.84 9.85 10.64
N SER A 220 -6.18 10.64 11.67
CA SER A 220 -5.60 10.39 12.99
C SER A 220 -6.63 10.61 14.10
N CYS A 221 -6.40 9.89 15.19
CA CYS A 221 -7.30 9.89 16.35
C CYS A 221 -7.26 11.27 17.04
C1 NAG B . 12.36 -5.93 7.96
C2 NAG B . 13.81 -5.92 8.48
C3 NAG B . 14.32 -7.35 8.70
C4 NAG B . 13.30 -8.25 9.41
C5 NAG B . 11.97 -8.12 8.71
C6 NAG B . 10.84 -9.04 9.22
C7 NAG B . 15.07 -3.99 7.91
C8 NAG B . 16.02 -3.25 7.02
N2 NAG B . 14.69 -5.22 7.56
O3 NAG B . 15.53 -7.25 9.45
O4 NAG B . 13.68 -9.65 9.39
O5 NAG B . 11.52 -6.75 8.74
O6 NAG B . 10.67 -8.78 10.56
O7 NAG B . 14.66 -3.47 8.93
C1 NAG B . 13.79 -10.24 10.70
C2 NAG B . 13.91 -11.74 10.55
C3 NAG B . 13.99 -12.36 11.95
C4 NAG B . 15.00 -11.65 12.88
C5 NAG B . 14.61 -10.15 12.82
C6 NAG B . 15.36 -9.29 13.80
C7 NAG B . 12.78 -12.89 8.71
C8 NAG B . 11.51 -13.35 8.11
N2 NAG B . 12.74 -12.22 9.88
O3 NAG B . 14.11 -13.80 11.91
O4 NAG B . 14.95 -12.08 14.26
O5 NAG B . 14.84 -9.69 11.48
O6 NAG B . 16.68 -9.40 13.33
O7 NAG B . 13.81 -13.13 8.14
C1 MAN C . 4.50 -0.90 17.51
C2 MAN C . 3.93 0.23 18.37
C3 MAN C . 4.69 1.53 18.05
C4 MAN C . 6.18 1.33 18.23
C5 MAN C . 6.67 0.19 17.33
C6 MAN C . 8.14 -0.12 17.51
O2 MAN C . 4.10 0.01 19.76
O3 MAN C . 4.28 2.54 18.98
O4 MAN C . 6.94 2.49 17.83
O5 MAN C . 5.93 -1.00 17.66
O6 MAN C . 8.48 -0.99 16.45
O1 MES D . 18.08 -11.01 5.77
C2 MES D . 17.66 -10.97 4.41
C3 MES D . 16.27 -10.36 4.24
N4 MES D . 15.26 -10.99 5.12
C5 MES D . 15.77 -10.88 6.52
C6 MES D . 17.10 -11.61 6.65
C7 MES D . 13.97 -10.25 4.98
C8 MES D . 12.69 -11.08 5.22
S MES D . 11.31 -10.08 5.12
O1S MES D . 11.81 -8.65 5.21
O2S MES D . 10.42 -10.59 6.21
O3S MES D . 10.59 -10.17 3.82
C1 MPD E . -8.53 4.92 -20.21
C2 MPD E . -7.13 5.47 -20.48
O2 MPD E . -6.69 5.10 -21.79
CM MPD E . -7.13 6.98 -20.42
C3 MPD E . -6.13 4.89 -19.48
C4 MPD E . -6.07 3.35 -19.42
O4 MPD E . -5.76 2.89 -20.75
C5 MPD E . -4.97 2.82 -18.52
C ACT F . -8.56 -12.96 -9.57
O ACT F . -7.79 -13.25 -8.63
OXT ACT F . -8.30 -12.13 -10.48
CH3 ACT F . -9.83 -13.74 -9.69
C ACT G . -21.86 7.91 -0.21
O ACT G . -22.25 7.99 0.95
OXT ACT G . -21.30 6.89 -0.61
CH3 ACT G . -22.18 9.00 -1.20
#